data_9IOQ
#
_entry.id   9IOQ
#
_cell.length_a   88.942
_cell.length_b   88.942
_cell.length_c   82.312
_cell.angle_alpha   90.00
_cell.angle_beta   90.00
_cell.angle_gamma   120.00
#
_symmetry.space_group_name_H-M   'P 32 2 1'
#
loop_
_entity.id
_entity.type
_entity.pdbx_description
1 polymer 'cUMP-AMP-activated phospholipase'
2 non-polymer "3'3'-cUMP-AMP"
3 water water
#
_entity_poly.entity_id   1
_entity_poly.type   'polypeptide(L)'
_entity_poly.pdbx_seq_one_letter_code
;MTYSVSPSSLLTEYGNDNICRVLALDGGGAKGFYTLGVLKEIEAMLGCPLYKRFDLVFGTSTGAIIAALIALGYEVDQIH
ALYTEHVPRVMSSRSAAARTMALQDLAKEVFQDKTFEDVLMGIGIVATRWMTERPMIFKGNVVQAHGRKGTFSPGFGVSI
ADAVQASCSAYPFFERKVIVTAAGDKVELIDGGYCANNPTLFAIADATVALKKDHKDIRVINVGVGIYPEPKPGLLMRIA
KKWLAVQLLQKTLEINTQSMDQLRDILFKDIPTIRISDTFERPEMATDLLEYNLDKLNTLRQRGRESFGAREAQLREFLI
;
_entity_poly.pdbx_strand_id   A
#
# COMPACT_ATOMS: atom_id res chain seq x y z
N SER A 9 -18.08 -4.37 -17.26
CA SER A 9 -17.78 -5.75 -17.64
C SER A 9 -17.62 -6.66 -16.41
N LEU A 10 -17.32 -6.04 -15.26
CA LEU A 10 -17.05 -6.77 -14.03
C LEU A 10 -18.38 -7.11 -13.34
N LEU A 11 -19.14 -7.98 -13.99
CA LEU A 11 -20.51 -8.27 -13.59
C LEU A 11 -20.66 -9.53 -12.74
N THR A 12 -19.60 -10.32 -12.58
CA THR A 12 -19.71 -11.55 -11.81
C THR A 12 -20.01 -11.23 -10.33
N GLU A 13 -20.95 -11.97 -9.76
CA GLU A 13 -21.37 -11.77 -8.39
C GLU A 13 -21.04 -12.99 -7.56
N TYR A 14 -20.80 -12.77 -6.27
CA TYR A 14 -20.39 -13.84 -5.36
C TYR A 14 -21.30 -13.85 -4.15
N GLY A 15 -21.58 -15.05 -3.66
CA GLY A 15 -22.32 -15.21 -2.42
C GLY A 15 -21.48 -14.79 -1.22
N ASN A 16 -22.13 -14.82 -0.05
CA ASN A 16 -21.49 -14.44 1.19
C ASN A 16 -21.16 -15.69 2.00
N ASP A 17 -19.91 -15.77 2.47
CA ASP A 17 -19.45 -16.80 3.38
C ASP A 17 -18.85 -16.13 4.61
N ASN A 18 -18.39 -16.94 5.56
CA ASN A 18 -17.77 -16.40 6.76
C ASN A 18 -16.25 -16.31 6.65
N ILE A 19 -15.72 -16.23 5.43
CA ILE A 19 -14.28 -16.16 5.20
C ILE A 19 -13.90 -14.71 5.00
N CYS A 20 -12.93 -14.24 5.78
CA CYS A 20 -12.46 -12.86 5.69
C CYS A 20 -11.32 -12.79 4.69
N ARG A 21 -11.54 -12.11 3.57
CA ARG A 21 -10.56 -12.01 2.50
C ARG A 21 -9.83 -10.66 2.63
N VAL A 22 -8.52 -10.73 2.83
CA VAL A 22 -7.70 -9.59 3.23
C VAL A 22 -6.68 -9.31 2.13
N LEU A 23 -6.56 -8.05 1.72
CA LEU A 23 -5.61 -7.63 0.70
C LEU A 23 -4.63 -6.65 1.31
N ALA A 24 -3.33 -6.90 1.15
CA ALA A 24 -2.29 -6.10 1.79
C ALA A 24 -1.28 -5.67 0.74
N LEU A 25 -1.08 -4.35 0.61
CA LEU A 25 -0.33 -3.79 -0.50
C LEU A 25 0.89 -3.04 0.02
N ASP A 26 2.08 -3.50 -0.41
CA ASP A 26 3.34 -2.88 -0.01
C ASP A 26 3.49 -1.49 -0.61
N GLY A 27 4.28 -0.66 0.07
CA GLY A 27 4.77 0.55 -0.55
C GLY A 27 6.02 0.31 -1.38
N GLY A 28 6.27 1.22 -2.33
CA GLY A 28 7.46 1.09 -3.14
C GLY A 28 7.64 2.12 -4.23
N GLY A 29 7.50 3.41 -3.88
CA GLY A 29 7.69 4.46 -4.87
C GLY A 29 6.74 4.29 -6.04
N ALA A 30 7.26 4.54 -7.24
CA ALA A 30 6.47 4.42 -8.47
C ALA A 30 6.44 2.99 -9.02
N LYS A 31 7.00 2.01 -8.31
CA LYS A 31 7.12 0.65 -8.84
C LYS A 31 5.85 -0.18 -8.59
N GLY A 32 4.80 0.42 -8.05
CA GLY A 32 3.50 -0.22 -7.93
C GLY A 32 2.82 -0.54 -9.24
N PHE A 33 3.42 -0.18 -10.38
CA PHE A 33 3.00 -0.73 -11.66
C PHE A 33 3.03 -2.26 -11.61
N TYR A 34 4.04 -2.82 -10.94
CA TYR A 34 4.07 -4.26 -10.71
C TYR A 34 2.82 -4.72 -9.95
N THR A 35 2.52 -4.05 -8.82
CA THR A 35 1.34 -4.38 -8.03
C THR A 35 0.08 -4.34 -8.88
N LEU A 36 -0.07 -3.30 -9.70
CA LEU A 36 -1.27 -3.16 -10.51
C LEU A 36 -1.36 -4.26 -11.57
N GLY A 37 -0.21 -4.74 -12.06
CA GLY A 37 -0.22 -5.89 -12.95
C GLY A 37 -0.80 -7.12 -12.30
N VAL A 38 -0.36 -7.40 -11.06
CA VAL A 38 -0.92 -8.51 -10.30
C VAL A 38 -2.41 -8.30 -10.06
N LEU A 39 -2.79 -7.10 -9.63
CA LEU A 39 -4.18 -6.83 -9.28
C LEU A 39 -5.10 -6.92 -10.49
N LYS A 40 -4.63 -6.41 -11.65
CA LYS A 40 -5.42 -6.50 -12.87
C LYS A 40 -5.85 -7.94 -13.14
N GLU A 41 -4.91 -8.89 -13.00
CA GLU A 41 -5.22 -10.28 -13.27
C GLU A 41 -6.13 -10.87 -12.21
N ILE A 42 -5.96 -10.49 -10.95
CA ILE A 42 -6.87 -10.94 -9.90
C ILE A 42 -8.27 -10.43 -10.17
N GLU A 43 -8.37 -9.18 -10.63
CA GLU A 43 -9.67 -8.59 -10.96
C GLU A 43 -10.33 -9.37 -12.09
N ALA A 44 -9.58 -9.61 -13.18
CA ALA A 44 -10.16 -10.30 -14.33
C ALA A 44 -10.47 -11.76 -14.02
N MET A 45 -9.71 -12.38 -13.11
CA MET A 45 -10.03 -13.75 -12.69
C MET A 45 -11.32 -13.79 -11.88
N LEU A 46 -11.61 -12.72 -11.13
CA LEU A 46 -12.79 -12.72 -10.28
C LEU A 46 -14.05 -12.34 -11.07
N GLY A 47 -13.92 -11.39 -11.99
CA GLY A 47 -15.08 -10.88 -12.69
C GLY A 47 -15.85 -9.81 -11.94
N CYS A 48 -15.25 -9.22 -10.91
CA CYS A 48 -15.90 -8.19 -10.11
C CYS A 48 -14.85 -7.19 -9.66
N PRO A 49 -15.25 -5.95 -9.33
CA PRO A 49 -14.32 -5.02 -8.69
C PRO A 49 -13.83 -5.62 -7.38
N LEU A 50 -12.60 -5.27 -7.02
CA LEU A 50 -11.94 -5.95 -5.91
C LEU A 50 -12.68 -5.73 -4.59
N TYR A 51 -13.34 -4.58 -4.41
CA TYR A 51 -14.03 -4.30 -3.16
C TYR A 51 -15.22 -5.23 -2.91
N LYS A 52 -15.75 -5.87 -3.96
CA LYS A 52 -16.86 -6.79 -3.76
C LYS A 52 -16.39 -8.11 -3.18
N ARG A 53 -15.20 -8.57 -3.55
CA ARG A 53 -14.70 -9.84 -3.08
C ARG A 53 -13.87 -9.73 -1.80
N PHE A 54 -13.11 -8.65 -1.64
CA PHE A 54 -12.25 -8.49 -0.48
C PHE A 54 -12.98 -7.76 0.65
N ASP A 55 -12.74 -8.20 1.88
CA ASP A 55 -13.34 -7.59 3.05
C ASP A 55 -12.48 -6.49 3.64
N LEU A 56 -11.17 -6.54 3.40
CA LEU A 56 -10.23 -5.65 4.07
C LEU A 56 -9.05 -5.40 3.16
N VAL A 57 -8.67 -4.14 2.99
CA VAL A 57 -7.48 -3.78 2.22
C VAL A 57 -6.61 -2.86 3.06
N PHE A 58 -5.33 -3.20 3.16
CA PHE A 58 -4.34 -2.37 3.83
C PHE A 58 -3.30 -1.92 2.81
N GLY A 59 -2.82 -0.69 2.97
CA GLY A 59 -1.78 -0.18 2.10
C GLY A 59 -0.90 0.78 2.87
N THR A 60 0.33 0.93 2.38
CA THR A 60 1.34 1.78 2.97
C THR A 60 2.03 2.57 1.86
N SER A 61 2.23 3.86 2.10
CA SER A 61 2.97 4.76 1.16
C SER A 61 2.28 4.68 -0.19
N THR A 62 3.01 4.56 -1.31
CA THR A 62 2.34 4.54 -2.61
C THR A 62 1.41 3.35 -2.75
N GLY A 63 1.57 2.33 -1.90
CA GLY A 63 0.60 1.25 -1.87
C GLY A 63 -0.71 1.67 -1.24
N ALA A 64 -0.70 2.68 -0.36
CA ALA A 64 -1.95 3.20 0.19
C ALA A 64 -2.75 3.95 -0.87
N ILE A 65 -2.08 4.49 -1.89
CA ILE A 65 -2.80 5.10 -3.01
C ILE A 65 -3.71 4.06 -3.66
N ILE A 66 -3.14 2.89 -3.98
CA ILE A 66 -3.90 1.82 -4.62
C ILE A 66 -4.98 1.30 -3.68
N ALA A 67 -4.63 1.11 -2.41
CA ALA A 67 -5.57 0.52 -1.46
C ALA A 67 -6.78 1.42 -1.28
N ALA A 68 -6.56 2.74 -1.24
CA ALA A 68 -7.67 3.68 -1.02
C ALA A 68 -8.58 3.71 -2.24
N LEU A 69 -8.01 3.70 -3.44
CA LEU A 69 -8.81 3.64 -4.66
C LEU A 69 -9.60 2.34 -4.75
N ILE A 70 -8.99 1.21 -4.35
CA ILE A 70 -9.75 -0.03 -4.31
C ILE A 70 -10.93 0.08 -3.34
N ALA A 71 -10.68 0.67 -2.16
CA ALA A 71 -11.72 0.78 -1.14
C ALA A 71 -12.84 1.73 -1.56
N LEU A 72 -12.58 2.66 -2.48
CA LEU A 72 -13.59 3.55 -3.01
C LEU A 72 -14.30 2.96 -4.22
N GLY A 73 -14.01 1.70 -4.56
CA GLY A 73 -14.72 1.02 -5.63
C GLY A 73 -14.13 1.20 -7.01
N TYR A 74 -12.89 1.64 -7.13
CA TYR A 74 -12.31 1.79 -8.46
C TYR A 74 -11.95 0.44 -9.05
N GLU A 75 -11.97 0.38 -10.37
CA GLU A 75 -11.47 -0.76 -11.13
C GLU A 75 -9.99 -0.56 -11.41
N VAL A 76 -9.26 -1.67 -11.55
CA VAL A 76 -7.81 -1.62 -11.62
C VAL A 76 -7.34 -0.75 -12.78
N ASP A 77 -8.04 -0.82 -13.92
CA ASP A 77 -7.67 0.01 -15.06
C ASP A 77 -7.77 1.49 -14.72
N GLN A 78 -8.81 1.88 -13.99
CA GLN A 78 -8.92 3.27 -13.55
C GLN A 78 -7.78 3.63 -12.61
N ILE A 79 -7.43 2.72 -11.69
CA ILE A 79 -6.34 2.99 -10.77
C ILE A 79 -5.03 3.18 -11.54
N HIS A 80 -4.78 2.31 -12.53
CA HIS A 80 -3.57 2.41 -13.35
C HIS A 80 -3.48 3.76 -14.05
N ALA A 81 -4.60 4.28 -14.54
CA ALA A 81 -4.57 5.58 -15.23
C ALA A 81 -4.22 6.71 -14.26
N LEU A 82 -4.84 6.71 -13.08
CA LEU A 82 -4.51 7.73 -12.08
C LEU A 82 -3.07 7.57 -11.60
N TYR A 83 -2.66 6.34 -11.30
CA TYR A 83 -1.29 6.09 -10.85
C TYR A 83 -0.27 6.57 -11.88
N THR A 84 -0.50 6.24 -13.16
CA THR A 84 0.38 6.74 -14.21
C THR A 84 0.41 8.26 -14.23
N GLU A 85 -0.75 8.89 -14.01
CA GLU A 85 -0.85 10.35 -14.15
C GLU A 85 -0.09 11.09 -13.07
N HIS A 86 0.08 10.51 -11.87
CA HIS A 86 0.51 11.31 -10.73
C HIS A 86 1.71 10.76 -9.98
N VAL A 87 1.87 9.44 -9.90
CA VAL A 87 2.91 8.89 -9.03
C VAL A 87 4.29 9.15 -9.62
N PRO A 88 4.58 8.79 -10.89
CA PRO A 88 5.93 9.08 -11.42
C PRO A 88 6.35 10.53 -11.28
N ARG A 89 5.42 11.48 -11.43
CA ARG A 89 5.80 12.88 -11.25
C ARG A 89 6.33 13.16 -9.84
N VAL A 90 5.71 12.55 -8.82
CA VAL A 90 6.22 12.72 -7.46
C VAL A 90 7.67 12.25 -7.38
N MET A 91 7.95 11.06 -7.91
CA MET A 91 9.29 10.49 -7.79
C MET A 91 10.30 11.21 -8.66
N SER A 92 9.86 11.88 -9.73
CA SER A 92 10.79 12.66 -10.56
C SER A 92 11.32 13.89 -9.84
N SER A 93 10.65 14.34 -8.78
CA SER A 93 11.09 15.53 -8.04
C SER A 93 12.50 15.33 -7.50
N ARG A 94 13.28 16.41 -7.50
CA ARG A 94 14.65 16.36 -6.99
C ARG A 94 14.90 17.42 -5.92
N SER A 95 13.85 17.89 -5.26
CA SER A 95 13.99 18.73 -4.07
C SER A 95 12.89 18.34 -3.11
N ALA A 96 13.19 18.46 -1.81
CA ALA A 96 12.19 18.17 -0.80
C ALA A 96 10.90 18.97 -1.05
N ALA A 97 11.04 20.27 -1.32
CA ALA A 97 9.85 21.09 -1.54
C ALA A 97 9.10 20.66 -2.79
N ALA A 98 9.81 20.34 -3.86
CA ALA A 98 9.13 19.89 -5.08
C ALA A 98 8.42 18.57 -4.83
N ARG A 99 9.05 17.65 -4.09
CA ARG A 99 8.45 16.37 -3.76
C ARG A 99 7.18 16.54 -2.94
N THR A 100 7.23 17.38 -1.92
CA THR A 100 6.07 17.58 -1.05
C THR A 100 4.90 18.21 -1.81
N MET A 101 5.20 19.16 -2.70
CA MET A 101 4.15 19.79 -3.50
C MET A 101 3.55 18.80 -4.49
N ALA A 102 4.40 18.07 -5.20
CA ALA A 102 3.91 17.01 -6.09
C ALA A 102 3.00 16.05 -5.35
N LEU A 103 3.39 15.62 -4.15
CA LEU A 103 2.59 14.67 -3.39
C LEU A 103 1.27 15.29 -2.93
N GLN A 104 1.31 16.53 -2.45
CA GLN A 104 0.09 17.22 -2.08
C GLN A 104 -0.86 17.31 -3.27
N ASP A 105 -0.33 17.65 -4.44
CA ASP A 105 -1.14 17.73 -5.65
C ASP A 105 -1.77 16.40 -6.00
N LEU A 106 -1.00 15.31 -5.91
CA LEU A 106 -1.54 13.98 -6.14
C LEU A 106 -2.72 13.71 -5.20
N ALA A 107 -2.51 13.95 -3.90
CA ALA A 107 -3.52 13.59 -2.91
C ALA A 107 -4.86 14.28 -3.19
N LYS A 108 -4.84 15.61 -3.40
CA LYS A 108 -6.08 16.33 -3.60
C LYS A 108 -6.72 15.95 -4.94
N GLU A 109 -5.93 15.91 -6.01
CA GLU A 109 -6.49 15.64 -7.34
C GLU A 109 -7.09 14.24 -7.40
N VAL A 110 -6.41 13.25 -6.82
CA VAL A 110 -6.88 11.87 -6.95
C VAL A 110 -8.07 11.61 -6.04
N PHE A 111 -8.02 12.08 -4.80
CA PHE A 111 -9.03 11.70 -3.82
C PHE A 111 -10.00 12.83 -3.48
N GLN A 112 -9.67 14.07 -3.84
CA GLN A 112 -10.59 15.21 -3.70
C GLN A 112 -11.01 15.32 -2.24
N ASP A 113 -12.30 15.25 -1.92
CA ASP A 113 -12.77 15.39 -0.56
C ASP A 113 -13.41 14.13 -0.02
N LYS A 114 -13.08 12.98 -0.59
CA LYS A 114 -13.54 11.71 -0.04
C LYS A 114 -12.98 11.53 1.37
N THR A 115 -13.76 10.87 2.21
CA THR A 115 -13.41 10.61 3.61
C THR A 115 -13.49 9.11 3.86
N PHE A 116 -13.17 8.72 5.08
CA PHE A 116 -13.21 7.31 5.42
C PHE A 116 -14.64 6.82 5.69
N GLU A 117 -15.63 7.72 5.66
CA GLU A 117 -17.02 7.29 5.61
C GLU A 117 -17.45 6.91 4.21
N ASP A 118 -16.64 7.23 3.19
CA ASP A 118 -17.00 6.97 1.80
C ASP A 118 -16.53 5.61 1.29
N VAL A 119 -15.86 4.78 2.11
CA VAL A 119 -15.29 3.54 1.62
C VAL A 119 -16.34 2.44 1.59
N LEU A 120 -16.13 1.46 0.71
CA LEU A 120 -17.07 0.37 0.48
C LEU A 120 -16.62 -0.95 1.08
N MET A 121 -15.53 -0.94 1.84
CA MET A 121 -14.98 -2.15 2.45
C MET A 121 -14.10 -1.70 3.60
N GLY A 122 -13.59 -2.68 4.35
CA GLY A 122 -12.63 -2.35 5.39
C GLY A 122 -11.34 -1.81 4.79
N ILE A 123 -10.73 -0.84 5.47
CA ILE A 123 -9.48 -0.25 5.01
C ILE A 123 -8.57 0.01 6.20
N GLY A 124 -7.25 -0.04 5.93
CA GLY A 124 -6.24 0.47 6.84
C GLY A 124 -5.16 1.17 6.06
N ILE A 125 -4.92 2.44 6.35
CA ILE A 125 -3.87 3.22 5.71
C ILE A 125 -2.84 3.55 6.77
N VAL A 126 -1.61 3.09 6.57
CA VAL A 126 -0.57 3.11 7.61
C VAL A 126 0.33 4.33 7.41
N ALA A 127 0.48 5.12 8.47
CA ALA A 127 1.48 6.17 8.55
C ALA A 127 2.24 6.01 9.86
N THR A 128 3.27 6.84 10.04
CA THR A 128 4.14 6.75 11.21
C THR A 128 4.09 8.08 11.98
N ARG A 129 3.82 8.00 13.28
CA ARG A 129 3.83 9.19 14.13
C ARG A 129 5.26 9.66 14.38
N TRP A 130 5.55 10.90 14.01
CA TRP A 130 6.88 11.44 14.26
C TRP A 130 7.20 11.46 15.74
N MET A 131 6.22 11.79 16.58
CA MET A 131 6.49 11.99 18.00
C MET A 131 6.62 10.65 18.72
N THR A 132 5.59 9.82 18.66
CA THR A 132 5.63 8.55 19.39
C THR A 132 6.42 7.47 18.65
N GLU A 133 6.69 7.67 17.36
CA GLU A 133 7.44 6.72 16.51
C GLU A 133 6.71 5.39 16.40
N ARG A 134 5.39 5.44 16.51
CA ARG A 134 4.50 4.30 16.43
C ARG A 134 3.51 4.53 15.30
N PRO A 135 2.89 3.48 14.78
CA PRO A 135 2.00 3.67 13.62
C PRO A 135 0.74 4.45 14.00
N MET A 136 0.23 5.16 13.01
CA MET A 136 -1.13 5.69 13.03
C MET A 136 -1.84 5.11 11.82
N ILE A 137 -2.86 4.30 12.06
CA ILE A 137 -3.54 3.54 11.02
C ILE A 137 -4.93 4.12 10.85
N PHE A 138 -5.14 4.79 9.73
CA PHE A 138 -6.44 5.33 9.38
C PHE A 138 -7.36 4.19 8.93
N LYS A 139 -8.50 4.05 9.60
CA LYS A 139 -9.42 2.94 9.35
C LYS A 139 -10.82 3.48 9.03
N GLY A 140 -11.66 2.60 8.51
CA GLY A 140 -12.98 3.03 8.08
C GLY A 140 -14.12 2.71 9.04
N ASN A 141 -13.98 1.69 9.88
CA ASN A 141 -15.08 1.18 10.69
C ASN A 141 -14.58 0.79 12.07
N VAL A 142 -15.39 1.10 13.10
CA VAL A 142 -14.96 0.90 14.49
C VAL A 142 -14.76 -0.58 14.81
N VAL A 143 -15.43 -1.48 14.07
CA VAL A 143 -15.35 -2.89 14.41
C VAL A 143 -13.94 -3.46 14.22
N GLN A 144 -13.04 -2.75 13.54
CA GLN A 144 -11.65 -3.18 13.44
C GLN A 144 -10.72 -2.39 14.38
N ALA A 145 -11.28 -1.62 15.31
CA ALA A 145 -10.49 -0.97 16.34
C ALA A 145 -10.23 -1.93 17.50
N HIS A 146 -9.06 -1.81 18.11
CA HIS A 146 -8.63 -2.71 19.18
C HIS A 146 -8.83 -2.11 20.57
N GLY A 147 -9.35 -0.89 20.65
CA GLY A 147 -9.51 -0.20 21.91
C GLY A 147 -9.98 1.22 21.68
N ARG A 148 -10.47 1.83 22.76
CA ARG A 148 -10.92 3.22 22.75
C ARG A 148 -12.01 3.46 21.70
N LYS A 149 -12.95 2.50 21.61
CA LYS A 149 -13.99 2.54 20.58
C LYS A 149 -15.05 3.60 20.87
N GLY A 150 -15.16 4.06 22.12
CA GLY A 150 -16.10 5.12 22.43
C GLY A 150 -15.76 6.42 21.74
N THR A 151 -14.48 6.66 21.46
CA THR A 151 -14.02 7.87 20.80
C THR A 151 -13.65 7.64 19.34
N PHE A 152 -14.01 6.48 18.77
CA PHE A 152 -13.62 6.16 17.41
C PHE A 152 -14.37 7.05 16.40
N SER A 153 -13.62 7.67 15.50
CA SER A 153 -14.17 8.33 14.34
C SER A 153 -13.51 7.74 13.10
N PRO A 154 -14.29 7.37 12.06
CA PRO A 154 -13.68 6.82 10.84
C PRO A 154 -12.59 7.72 10.27
N GLY A 155 -11.38 7.15 10.13
CA GLY A 155 -10.26 7.91 9.63
C GLY A 155 -9.85 9.07 10.51
N PHE A 156 -10.21 9.04 11.80
CA PHE A 156 -9.98 10.17 12.71
C PHE A 156 -10.61 11.47 12.21
N GLY A 157 -11.65 11.35 11.38
CA GLY A 157 -12.22 12.50 10.71
C GLY A 157 -11.34 13.09 9.62
N VAL A 158 -10.18 12.50 9.35
CA VAL A 158 -9.26 13.03 8.35
C VAL A 158 -9.70 12.56 6.96
N SER A 159 -9.44 13.40 5.95
CA SER A 159 -9.80 13.02 4.60
C SER A 159 -8.85 11.95 4.07
N ILE A 160 -9.28 11.25 3.03
CA ILE A 160 -8.44 10.21 2.46
C ILE A 160 -7.20 10.82 1.83
N ALA A 161 -7.33 12.01 1.23
CA ALA A 161 -6.17 12.71 0.66
C ALA A 161 -5.09 12.94 1.72
N ASP A 162 -5.48 13.46 2.89
CA ASP A 162 -4.49 13.75 3.92
C ASP A 162 -3.89 12.47 4.50
N ALA A 163 -4.73 11.44 4.66
CA ALA A 163 -4.22 10.17 5.20
C ALA A 163 -3.24 9.52 4.23
N VAL A 164 -3.54 9.56 2.93
CA VAL A 164 -2.66 8.96 1.93
C VAL A 164 -1.39 9.78 1.76
N GLN A 165 -1.52 11.11 1.80
CA GLN A 165 -0.33 11.96 1.76
C GLN A 165 0.58 11.69 2.95
N ALA A 166 -0.01 11.57 4.15
CA ALA A 166 0.78 11.22 5.33
C ALA A 166 1.48 9.88 5.14
N SER A 167 0.75 8.88 4.63
CA SER A 167 1.31 7.54 4.44
C SER A 167 2.51 7.56 3.51
N CYS A 168 2.61 8.57 2.64
CA CYS A 168 3.62 8.69 1.61
C CYS A 168 4.72 9.69 1.95
N SER A 169 4.65 10.37 3.09
CA SER A 169 5.53 11.51 3.36
C SER A 169 6.86 11.03 3.94
N ALA A 170 7.77 10.66 3.05
CA ALA A 170 9.02 10.01 3.43
C ALA A 170 10.08 11.05 3.81
N TYR A 171 9.80 11.79 4.87
CA TYR A 171 10.82 12.62 5.51
C TYR A 171 12.06 11.78 5.77
N PRO A 172 13.28 12.30 5.55
CA PRO A 172 13.67 13.70 5.31
C PRO A 172 13.51 14.21 3.89
N PHE A 173 13.03 13.38 2.96
CA PHE A 173 12.94 13.80 1.56
C PHE A 173 11.58 14.38 1.22
N PHE A 174 10.57 14.17 2.05
CA PHE A 174 9.34 14.94 2.01
C PHE A 174 9.23 15.69 3.33
N GLU A 175 8.37 16.70 3.36
CA GLU A 175 8.02 17.31 4.63
C GLU A 175 7.10 16.37 5.39
N ARG A 176 7.17 16.45 6.71
CA ARG A 176 6.19 15.76 7.53
C ARG A 176 4.82 16.39 7.33
N LYS A 177 3.79 15.57 7.47
CA LYS A 177 2.41 15.97 7.19
C LYS A 177 1.69 16.15 8.51
N VAL A 178 1.20 17.37 8.75
CA VAL A 178 0.50 17.70 9.99
C VAL A 178 -0.98 17.43 9.82
N ILE A 179 -1.56 16.82 10.85
CA ILE A 179 -2.94 16.35 10.84
C ILE A 179 -3.59 16.77 12.15
N VAL A 180 -4.88 17.11 12.10
CA VAL A 180 -5.66 17.35 13.32
C VAL A 180 -6.83 16.38 13.32
N THR A 181 -6.92 15.55 14.36
CA THR A 181 -7.94 14.53 14.46
C THR A 181 -9.29 15.15 14.83
N ALA A 182 -10.35 14.34 14.71
CA ALA A 182 -11.69 14.78 15.08
C ALA A 182 -11.79 15.04 16.57
N ALA A 183 -10.97 14.38 17.39
CA ALA A 183 -10.94 14.65 18.81
C ALA A 183 -10.14 15.89 19.16
N GLY A 184 -9.57 16.57 18.16
CA GLY A 184 -8.82 17.78 18.41
C GLY A 184 -7.35 17.59 18.72
N ASP A 185 -6.77 16.43 18.39
CA ASP A 185 -5.36 16.16 18.64
C ASP A 185 -4.56 16.35 17.36
N LYS A 186 -3.48 17.11 17.44
CA LYS A 186 -2.64 17.40 16.29
C LYS A 186 -1.44 16.47 16.27
N VAL A 187 -1.18 15.86 15.11
CA VAL A 187 -0.15 14.84 14.96
C VAL A 187 0.71 15.16 13.74
N GLU A 188 2.02 14.96 13.86
CA GLU A 188 2.94 15.06 12.73
C GLU A 188 3.28 13.66 12.24
N LEU A 189 3.08 13.40 10.95
CA LEU A 189 3.14 12.06 10.40
C LEU A 189 4.15 11.96 9.27
N ILE A 190 4.78 10.79 9.15
CA ILE A 190 5.70 10.49 8.05
C ILE A 190 5.37 9.12 7.46
N ASP A 191 6.12 8.74 6.43
CA ASP A 191 5.79 7.56 5.63
C ASP A 191 5.53 6.35 6.51
N GLY A 192 4.50 5.58 6.13
CA GLY A 192 4.19 4.37 6.87
C GLY A 192 5.23 3.29 6.71
N GLY A 193 6.05 3.37 5.66
CA GLY A 193 7.04 2.34 5.38
C GLY A 193 8.11 2.20 6.43
N TYR A 194 8.25 3.21 7.29
CA TYR A 194 9.17 3.15 8.41
C TYR A 194 8.73 2.14 9.46
N CYS A 195 7.43 1.92 9.61
CA CYS A 195 6.98 0.91 10.56
C CYS A 195 6.39 -0.33 9.92
N ALA A 196 5.74 -0.21 8.76
CA ALA A 196 5.20 -1.40 8.08
C ALA A 196 5.02 -1.12 6.59
N ASN A 197 6.14 -1.04 5.86
CA ASN A 197 6.03 -0.91 4.42
C ASN A 197 5.31 -2.10 3.83
N ASN A 198 5.48 -3.27 4.43
CA ASN A 198 4.59 -4.40 4.20
C ASN A 198 3.54 -4.39 5.30
N PRO A 199 2.28 -4.07 5.00
CA PRO A 199 1.27 -3.95 6.06
C PRO A 199 0.47 -5.23 6.35
N THR A 200 0.98 -6.38 5.91
CA THR A 200 0.21 -7.62 6.02
C THR A 200 -0.08 -7.98 7.47
N LEU A 201 0.94 -7.90 8.33
CA LEU A 201 0.77 -8.25 9.74
C LEU A 201 -0.27 -7.36 10.39
N PHE A 202 -0.18 -6.05 10.12
CA PHE A 202 -1.18 -5.11 10.64
C PHE A 202 -2.58 -5.51 10.20
N ALA A 203 -2.75 -5.83 8.91
CA ALA A 203 -4.05 -6.28 8.41
C ALA A 203 -4.50 -7.55 9.13
N ILE A 204 -3.58 -8.47 9.35
CA ILE A 204 -3.92 -9.71 10.06
C ILE A 204 -4.32 -9.40 11.51
N ALA A 205 -3.66 -8.42 12.13
CA ALA A 205 -4.03 -8.00 13.48
C ALA A 205 -5.49 -7.56 13.53
N ASP A 206 -5.95 -6.82 12.52
CA ASP A 206 -7.35 -6.42 12.47
C ASP A 206 -8.25 -7.65 12.33
N ALA A 207 -7.89 -8.57 11.44
CA ALA A 207 -8.76 -9.72 11.16
C ALA A 207 -8.85 -10.64 12.37
N THR A 208 -7.72 -10.93 13.02
CA THR A 208 -7.72 -11.87 14.13
C THR A 208 -8.24 -11.23 15.41
N VAL A 209 -7.64 -10.12 15.82
CA VAL A 209 -7.94 -9.53 17.12
C VAL A 209 -9.23 -8.72 17.08
N ALA A 210 -9.32 -7.79 16.13
CA ALA A 210 -10.42 -6.83 16.13
C ALA A 210 -11.69 -7.43 15.53
N LEU A 211 -11.58 -8.25 14.49
CA LEU A 211 -12.72 -8.87 13.85
C LEU A 211 -12.98 -10.29 14.35
N LYS A 212 -12.16 -10.79 15.27
CA LYS A 212 -12.39 -12.07 15.96
C LYS A 212 -12.55 -13.23 14.97
N LYS A 213 -11.97 -13.08 13.78
CA LYS A 213 -12.04 -14.14 12.80
C LYS A 213 -11.06 -15.25 13.15
N ASP A 214 -11.53 -16.50 13.08
CA ASP A 214 -10.64 -17.63 13.28
C ASP A 214 -9.67 -17.75 12.11
N HIS A 215 -8.47 -18.25 12.41
CA HIS A 215 -7.40 -18.31 11.42
C HIS A 215 -7.82 -19.14 10.22
N LYS A 216 -8.61 -20.20 10.45
CA LYS A 216 -9.10 -21.04 9.35
C LYS A 216 -9.93 -20.24 8.36
N ASP A 217 -10.60 -19.18 8.82
CA ASP A 217 -11.55 -18.42 8.00
C ASP A 217 -10.95 -17.14 7.45
N ILE A 218 -9.62 -17.05 7.35
CA ILE A 218 -8.96 -15.87 6.81
C ILE A 218 -8.17 -16.29 5.57
N ARG A 219 -8.25 -15.46 4.52
CA ARG A 219 -7.41 -15.61 3.33
C ARG A 219 -6.70 -14.29 3.10
N VAL A 220 -5.37 -14.32 3.07
CA VAL A 220 -4.56 -13.12 2.94
C VAL A 220 -3.85 -13.15 1.60
N ILE A 221 -3.96 -12.05 0.86
CA ILE A 221 -3.17 -11.83 -0.35
C ILE A 221 -2.35 -10.56 -0.14
N ASN A 222 -1.04 -10.70 -0.20
CA ASN A 222 -0.11 -9.59 0.00
C ASN A 222 0.66 -9.40 -1.29
N VAL A 223 0.47 -8.26 -1.95
CA VAL A 223 1.17 -7.93 -3.19
C VAL A 223 2.21 -6.85 -2.91
N GLY A 224 3.45 -7.12 -3.31
CA GLY A 224 4.52 -6.14 -3.22
C GLY A 224 4.72 -5.39 -4.52
N VAL A 225 5.92 -4.84 -4.68
CA VAL A 225 6.32 -4.15 -5.90
C VAL A 225 7.32 -4.94 -6.71
N GLY A 226 7.71 -6.13 -6.27
CA GLY A 226 8.74 -6.89 -6.93
C GLY A 226 10.13 -6.52 -6.45
N ILE A 227 11.09 -7.37 -6.77
CA ILE A 227 12.48 -7.19 -6.35
C ILE A 227 13.35 -7.14 -7.60
N TYR A 228 14.20 -6.14 -7.69
CA TYR A 228 15.01 -5.87 -8.88
C TYR A 228 16.45 -5.61 -8.45
N PRO A 229 17.39 -5.61 -9.39
CA PRO A 229 18.79 -5.38 -9.02
C PRO A 229 18.96 -4.03 -8.33
N GLU A 230 19.72 -4.05 -7.24
CA GLU A 230 19.91 -2.85 -6.43
C GLU A 230 20.83 -1.86 -7.15
N PRO A 231 20.49 -0.57 -7.14
CA PRO A 231 21.41 0.42 -7.70
C PRO A 231 22.68 0.51 -6.87
N LYS A 232 23.81 0.61 -7.54
CA LYS A 232 25.09 0.71 -6.86
C LYS A 232 25.46 2.17 -6.66
N PRO A 233 26.42 2.47 -5.76
CA PRO A 233 26.73 3.88 -5.45
C PRO A 233 27.17 4.70 -6.66
N GLY A 234 27.85 4.09 -7.64
CA GLY A 234 28.26 4.84 -8.82
C GLY A 234 27.09 5.53 -9.50
N LEU A 235 26.01 4.78 -9.74
CA LEU A 235 24.80 5.38 -10.31
C LEU A 235 24.16 6.38 -9.35
N LEU A 236 24.02 5.99 -8.07
CA LEU A 236 23.33 6.86 -7.13
C LEU A 236 24.03 8.20 -6.95
N MET A 237 25.37 8.20 -6.97
CA MET A 237 26.12 9.44 -6.83
C MET A 237 25.85 10.40 -7.97
N ARG A 238 25.46 9.89 -9.15
CA ARG A 238 25.20 10.75 -10.31
C ARG A 238 23.83 11.41 -10.27
N ILE A 239 22.89 10.88 -9.51
CA ILE A 239 21.54 11.43 -9.50
C ILE A 239 21.14 12.01 -8.15
N ALA A 240 21.87 11.70 -7.07
CA ALA A 240 21.48 12.14 -5.74
C ALA A 240 22.71 12.67 -5.01
N LYS A 241 22.57 13.82 -4.36
CA LYS A 241 23.72 14.38 -3.66
C LYS A 241 23.91 13.71 -2.30
N LYS A 242 22.82 13.27 -1.66
CA LYS A 242 22.92 12.53 -0.40
C LYS A 242 22.73 11.03 -0.65
N TRP A 243 23.61 10.50 -1.51
CA TRP A 243 23.42 9.15 -2.04
C TRP A 243 23.44 8.08 -0.96
N LEU A 244 24.27 8.24 0.07
CA LEU A 244 24.33 7.20 1.11
C LEU A 244 23.03 7.15 1.91
N ALA A 245 22.48 8.32 2.27
CA ALA A 245 21.18 8.34 2.93
C ALA A 245 20.10 7.75 2.03
N VAL A 246 20.22 8.00 0.71
CA VAL A 246 19.26 7.46 -0.26
C VAL A 246 19.34 5.93 -0.31
N GLN A 247 20.56 5.39 -0.30
CA GLN A 247 20.75 3.94 -0.29
C GLN A 247 20.26 3.33 1.02
N LEU A 248 20.58 3.96 2.16
CA LEU A 248 20.14 3.47 3.45
C LEU A 248 18.62 3.42 3.53
N LEU A 249 17.96 4.45 3.01
CA LEU A 249 16.51 4.48 2.99
C LEU A 249 15.96 3.26 2.27
N GLN A 250 16.47 2.99 1.07
CA GLN A 250 15.98 1.84 0.29
C GLN A 250 16.27 0.54 1.02
N LYS A 251 17.50 0.34 1.47
CA LYS A 251 17.85 -0.93 2.09
C LYS A 251 17.02 -1.18 3.35
N THR A 252 16.81 -0.15 4.19
CA THR A 252 16.01 -0.33 5.39
C THR A 252 14.55 -0.64 5.06
N LEU A 253 14.00 0.01 4.05
CA LEU A 253 12.63 -0.30 3.64
C LEU A 253 12.49 -1.74 3.18
N GLU A 254 13.46 -2.22 2.38
CA GLU A 254 13.45 -3.61 1.93
C GLU A 254 13.48 -4.57 3.11
N ILE A 255 14.38 -4.32 4.07
CA ILE A 255 14.45 -5.19 5.25
C ILE A 255 13.13 -5.17 6.01
N ASN A 256 12.55 -3.97 6.20
CA ASN A 256 11.26 -3.92 6.87
C ASN A 256 10.22 -4.75 6.13
N THR A 257 10.21 -4.67 4.80
CA THR A 257 9.25 -5.42 4.00
C THR A 257 9.44 -6.92 4.17
N GLN A 258 10.68 -7.40 4.03
CA GLN A 258 10.92 -8.84 4.02
C GLN A 258 10.86 -9.42 5.43
N SER A 259 11.46 -8.72 6.42
CA SER A 259 11.39 -9.20 7.79
C SER A 259 9.96 -9.20 8.32
N MET A 260 9.13 -8.26 7.87
CA MET A 260 7.73 -8.27 8.28
C MET A 260 7.03 -9.52 7.76
N ASP A 261 7.37 -9.94 6.54
CA ASP A 261 6.80 -11.18 6.00
C ASP A 261 7.29 -12.39 6.79
N GLN A 262 8.58 -12.43 7.14
CA GLN A 262 9.07 -13.55 7.95
C GLN A 262 8.38 -13.60 9.31
N LEU A 263 8.14 -12.44 9.94
CA LEU A 263 7.48 -12.43 11.24
C LEU A 263 6.04 -12.92 11.14
N ARG A 264 5.33 -12.54 10.07
CA ARG A 264 3.98 -13.05 9.87
C ARG A 264 4.00 -14.57 9.78
N ASP A 265 4.94 -15.12 9.01
CA ASP A 265 5.03 -16.57 8.86
C ASP A 265 5.32 -17.25 10.20
N ILE A 266 6.16 -16.64 11.02
CA ILE A 266 6.49 -17.22 12.32
C ILE A 266 5.27 -17.21 13.23
N LEU A 267 4.57 -16.08 13.30
CA LEU A 267 3.47 -15.92 14.24
C LEU A 267 2.16 -16.49 13.73
N PHE A 268 1.98 -16.60 12.42
CA PHE A 268 0.69 -16.96 11.86
C PHE A 268 0.86 -18.00 10.75
N LYS A 269 1.49 -19.13 11.11
CA LYS A 269 1.63 -20.21 10.14
C LYS A 269 0.27 -20.70 9.67
N ASP A 270 -0.72 -20.73 10.57
CA ASP A 270 -2.02 -21.32 10.28
C ASP A 270 -3.01 -20.36 9.63
N ILE A 271 -2.57 -19.19 9.18
CA ILE A 271 -3.41 -18.28 8.42
C ILE A 271 -3.03 -18.38 6.94
N PRO A 272 -3.91 -18.89 6.08
CA PRO A 272 -3.55 -19.02 4.65
C PRO A 272 -3.19 -17.66 4.04
N THR A 273 -2.01 -17.62 3.43
CA THR A 273 -1.45 -16.35 2.97
C THR A 273 -0.67 -16.59 1.68
N ILE A 274 -0.86 -15.70 0.72
CA ILE A 274 -0.08 -15.67 -0.52
C ILE A 274 0.61 -14.31 -0.62
N ARG A 275 1.94 -14.32 -0.73
CA ARG A 275 2.70 -13.11 -0.99
C ARG A 275 3.24 -13.16 -2.41
N ILE A 276 3.09 -12.06 -3.15
CA ILE A 276 3.43 -11.98 -4.57
C ILE A 276 4.38 -10.80 -4.73
N SER A 277 5.67 -11.08 -4.73
CA SER A 277 6.69 -10.06 -4.98
C SER A 277 7.96 -10.74 -5.48
N ASP A 278 7.97 -11.10 -6.77
CA ASP A 278 9.02 -11.95 -7.33
C ASP A 278 10.28 -11.14 -7.64
N THR A 279 11.37 -11.87 -7.85
CA THR A 279 12.67 -11.28 -8.18
C THR A 279 12.90 -11.32 -9.69
N PHE A 280 13.44 -10.23 -10.22
CA PHE A 280 13.69 -10.08 -11.64
C PHE A 280 15.08 -9.50 -11.84
N GLU A 281 15.70 -9.82 -12.98
CA GLU A 281 17.02 -9.30 -13.26
C GLU A 281 17.00 -8.00 -14.05
N ARG A 282 15.84 -7.57 -14.52
CA ARG A 282 15.61 -6.28 -15.15
C ARG A 282 14.24 -5.79 -14.74
N PRO A 283 13.96 -4.49 -14.87
CA PRO A 283 14.88 -3.43 -15.33
C PRO A 283 15.80 -2.97 -14.23
N GLU A 284 16.91 -2.35 -14.61
CA GLU A 284 17.82 -1.71 -13.66
C GLU A 284 17.30 -0.32 -13.38
N MET A 285 16.95 -0.06 -12.12
CA MET A 285 16.29 1.17 -11.73
C MET A 285 17.05 1.85 -10.60
N ALA A 286 16.72 3.12 -10.37
CA ALA A 286 17.12 3.79 -9.15
C ALA A 286 16.31 3.25 -7.98
N THR A 287 16.52 3.83 -6.81
CA THR A 287 15.77 3.43 -5.63
C THR A 287 14.29 3.77 -5.81
N ASP A 288 13.47 3.25 -4.89
CA ASP A 288 12.04 3.57 -4.94
C ASP A 288 11.81 5.08 -4.87
N LEU A 289 12.64 5.80 -4.11
CA LEU A 289 12.44 7.24 -3.97
C LEU A 289 12.63 7.96 -5.32
N LEU A 290 13.57 7.50 -6.15
CA LEU A 290 14.07 8.27 -7.28
C LEU A 290 13.60 7.81 -8.65
N GLU A 291 13.13 6.57 -8.80
CA GLU A 291 12.87 6.03 -10.13
C GLU A 291 11.55 6.58 -10.67
N TYR A 292 11.60 7.15 -11.88
CA TYR A 292 10.40 7.69 -12.49
C TYR A 292 10.29 7.42 -13.99
N ASN A 293 11.26 6.74 -14.59
CA ASN A 293 11.28 6.48 -16.03
C ASN A 293 10.12 5.56 -16.40
N LEU A 294 9.08 6.11 -17.02
CA LEU A 294 7.90 5.32 -17.37
C LEU A 294 8.26 4.16 -18.30
N ASP A 295 9.29 4.32 -19.13
CA ASP A 295 9.69 3.24 -20.01
C ASP A 295 10.15 2.02 -19.23
N LYS A 296 10.82 2.23 -18.10
CA LYS A 296 11.20 1.12 -17.24
C LYS A 296 10.00 0.66 -16.40
N LEU A 297 9.28 1.61 -15.80
CA LEU A 297 8.21 1.26 -14.86
C LEU A 297 7.06 0.53 -15.56
N ASN A 298 6.79 0.86 -16.82
CA ASN A 298 5.69 0.19 -17.51
C ASN A 298 5.96 -1.29 -17.74
N THR A 299 7.23 -1.68 -17.86
CA THR A 299 7.53 -3.11 -18.01
C THR A 299 7.27 -3.90 -16.74
N LEU A 300 7.13 -3.22 -15.60
CA LEU A 300 6.77 -3.90 -14.35
C LEU A 300 5.34 -4.41 -14.39
N ARG A 301 4.46 -3.77 -15.16
CA ARG A 301 3.11 -4.27 -15.34
C ARG A 301 3.12 -5.69 -15.86
N GLN A 302 3.92 -5.95 -16.90
CA GLN A 302 4.02 -7.30 -17.45
C GLN A 302 4.59 -8.26 -16.41
N ARG A 303 5.58 -7.81 -15.65
CA ARG A 303 6.18 -8.66 -14.64
C ARG A 303 5.17 -9.03 -13.57
N GLY A 304 4.28 -8.10 -13.23
CA GLY A 304 3.23 -8.41 -12.27
C GLY A 304 2.24 -9.43 -12.81
N ARG A 305 1.89 -9.33 -14.10
CA ARG A 305 1.03 -10.34 -14.70
C ARG A 305 1.71 -11.70 -14.75
N GLU A 306 3.02 -11.73 -15.01
CA GLU A 306 3.75 -12.99 -14.96
C GLU A 306 3.71 -13.60 -13.56
N SER A 307 3.86 -12.75 -12.52
CA SER A 307 3.85 -13.27 -11.15
C SER A 307 2.48 -13.82 -10.77
N PHE A 308 1.40 -13.21 -11.28
CA PHE A 308 0.07 -13.79 -11.05
C PHE A 308 -0.03 -15.15 -11.72
N GLY A 309 0.49 -15.26 -12.95
CA GLY A 309 0.31 -16.51 -13.69
C GLY A 309 1.02 -17.67 -13.03
N ALA A 310 2.09 -17.39 -12.29
CA ALA A 310 2.79 -18.45 -11.56
C ALA A 310 2.02 -18.91 -10.32
N ARG A 311 0.94 -18.21 -9.94
CA ARG A 311 0.20 -18.54 -8.73
C ARG A 311 -1.31 -18.62 -8.98
N GLU A 312 -1.73 -18.70 -10.25
CA GLU A 312 -3.15 -18.52 -10.55
C GLU A 312 -3.99 -19.64 -9.95
N ALA A 313 -3.49 -20.87 -9.97
CA ALA A 313 -4.28 -22.01 -9.46
C ALA A 313 -4.58 -21.84 -7.98
N GLN A 314 -3.58 -21.46 -7.18
CA GLN A 314 -3.82 -21.26 -5.75
C GLN A 314 -4.63 -19.99 -5.50
N LEU A 315 -4.46 -18.96 -6.31
CA LEU A 315 -5.27 -17.75 -6.15
C LEU A 315 -6.73 -18.04 -6.43
N ARG A 316 -7.01 -18.90 -7.40
CA ARG A 316 -8.38 -19.33 -7.67
C ARG A 316 -8.99 -19.99 -6.42
N GLU A 317 -8.21 -20.81 -5.72
CA GLU A 317 -8.74 -21.51 -4.56
C GLU A 317 -9.00 -20.54 -3.40
N PHE A 318 -8.14 -19.52 -3.26
CA PHE A 318 -8.32 -18.53 -2.20
C PHE A 318 -9.59 -17.70 -2.40
N LEU A 319 -9.77 -17.18 -3.61
CA LEU A 319 -10.79 -16.17 -3.89
C LEU A 319 -12.03 -16.74 -4.57
N ILE A 320 -11.97 -17.98 -5.03
CA ILE A 320 -13.11 -18.70 -5.60
C ILE A 320 -13.55 -18.07 -6.90
#